data_5M36
#
_entry.id   5M36
#
_cell.length_a   71.520
_cell.length_b   102.360
_cell.length_c   112.820
_cell.angle_alpha   90.000
_cell.angle_beta   90.000
_cell.angle_gamma   90.000
#
_symmetry.space_group_name_H-M   'P 21 21 21'
#
loop_
_entity.id
_entity.type
_entity.pdbx_description
1 polymer '14-3-3 protein zeta/delta'
2 polymer 'M-phase inducer phosphatase 3'
3 non-polymer (1R,5S,9S,16R,20R,24S,28S,35R)-3,22-Bis(dihydroxyphosphoryloxy)tridecacyclo[22.14.1.15,20.19,16.128,35.02,23.04,21.06,19.08,17.010,15.025,38.027,36.029,34]dotetraconta-2(23),3,6,8(17),10,12,14,18,21,25,27(36),29,31,33,37-pentadecaene
4 non-polymer 'BENZOIC ACID'
5 non-polymer GLYCEROL
6 water water
#
loop_
_entity_poly.entity_id
_entity_poly.type
_entity_poly.pdbx_seq_one_letter_code
_entity_poly.pdbx_strand_id
1 'polypeptide(L)'
;DKNELVQKAKLAEQAERYDDMAA(CSO)MKSVTEQGAELSNEERNLLSVAYKNVVGARRSSWRVVSSIEQKTEGAEKKQQ
MAREYREKIETELRDICNDVLSLLEKFLIPNASQAESKVFYLKMKGDYYRYLAEVAAGDDKKGIVDQSQQAYQEAFEISK
KEMQPTHPIRLGLALNFSVFYYEILNSPEKACSLAKTAFDEAIAELDTLSEESYKDSTLIMQLLRDNLTLWTS
;
A,B
2 'polypeptide(L)' SRSGLYRSP(SEP)MPENLNRPRLKQVEKFKDNTIPDKVKKK C,D
#
# COMPACT_ATOMS: atom_id res chain seq x y z
N ASP A 1 -13.40 -26.73 5.66
CA ASP A 1 -12.23 -25.99 5.08
C ASP A 1 -12.60 -24.74 4.22
N LYS A 2 -13.80 -24.71 3.63
CA LYS A 2 -14.31 -23.48 2.97
C LYS A 2 -14.47 -22.33 3.98
N ASN A 3 -14.96 -22.66 5.17
CA ASN A 3 -15.09 -21.69 6.25
C ASN A 3 -13.75 -21.15 6.72
N GLU A 4 -12.73 -22.01 6.79
CA GLU A 4 -11.39 -21.60 7.24
C GLU A 4 -10.71 -20.63 6.26
N LEU A 5 -10.81 -20.91 4.97
CA LEU A 5 -10.32 -20.02 3.92
C LEU A 5 -10.98 -18.63 3.97
N VAL A 6 -12.29 -18.58 4.23
CA VAL A 6 -13.00 -17.31 4.39
C VAL A 6 -12.46 -16.55 5.60
N GLN A 7 -12.28 -17.24 6.74
CA GLN A 7 -11.69 -16.61 7.94
C GLN A 7 -10.25 -16.12 7.70
N LYS A 8 -9.47 -16.89 6.94
CA LYS A 8 -8.15 -16.44 6.50
C LYS A 8 -8.20 -15.18 5.61
N ALA A 9 -9.15 -15.14 4.68
CA ALA A 9 -9.36 -13.96 3.85
C ALA A 9 -9.70 -12.73 4.70
N LYS A 10 -10.52 -12.91 5.73
CA LYS A 10 -10.89 -11.80 6.64
C LYS A 10 -9.71 -11.27 7.43
N LEU A 11 -8.81 -12.16 7.85
CA LEU A 11 -7.55 -11.79 8.50
C LEU A 11 -6.65 -11.00 7.57
N ALA A 12 -6.51 -11.48 6.34
CA ALA A 12 -5.71 -10.78 5.36
C ALA A 12 -6.27 -9.37 5.16
N GLU A 13 -7.59 -9.24 5.06
CA GLU A 13 -8.20 -7.91 4.89
C GLU A 13 -7.82 -6.97 6.02
N GLN A 14 -7.91 -7.44 7.26
CA GLN A 14 -7.51 -6.64 8.41
C GLN A 14 -6.02 -6.29 8.34
N ALA A 15 -5.21 -7.29 7.98
CA ALA A 15 -3.77 -7.10 7.76
C ALA A 15 -3.42 -6.26 6.52
N GLU A 16 -4.40 -5.88 5.69
CA GLU A 16 -4.14 -5.16 4.43
C GLU A 16 -3.15 -5.89 3.51
N ARG A 17 -3.24 -7.22 3.51
CA ARG A 17 -2.42 -8.07 2.65
C ARG A 17 -3.49 -8.47 1.66
N TYR A 18 -3.42 -7.95 0.43
CA TYR A 18 -4.51 -8.22 -0.50
C TYR A 18 -4.27 -9.39 -1.44
N ASP A 19 -3.00 -9.66 -1.78
CA ASP A 19 -2.62 -10.84 -2.58
C ASP A 19 -3.02 -12.12 -1.84
N ASP A 20 -2.72 -12.17 -0.54
CA ASP A 20 -3.15 -13.27 0.33
C ASP A 20 -4.67 -13.38 0.35
N MET A 21 -5.35 -12.25 0.52
CA MET A 21 -6.81 -12.21 0.58
C MET A 21 -7.41 -12.73 -0.72
N ALA A 22 -6.86 -12.27 -1.84
CA ALA A 22 -7.24 -12.74 -3.16
C ALA A 22 -7.01 -14.26 -3.31
N ALA A 23 -5.82 -14.72 -2.94
CA ALA A 23 -5.48 -16.15 -3.04
C ALA A 23 -6.52 -17.00 -2.32
N MET A 25 -9.73 -16.15 -1.37
CA MET A 25 -11.07 -16.07 -1.97
C MET A 25 -11.16 -16.74 -3.35
N LYS A 26 -10.05 -16.73 -4.09
CA LYS A 26 -9.96 -17.53 -5.31
C LYS A 26 -10.22 -19.00 -5.00
N SER A 27 -9.58 -19.52 -3.95
CA SER A 27 -9.74 -20.92 -3.55
C SER A 27 -11.16 -21.24 -3.13
N VAL A 28 -11.81 -20.30 -2.44
CA VAL A 28 -13.21 -20.47 -2.07
C VAL A 28 -14.07 -20.60 -3.34
N THR A 29 -13.89 -19.66 -4.27
CA THR A 29 -14.63 -19.66 -5.53
C THR A 29 -14.45 -20.99 -6.28
N GLU A 30 -13.22 -21.49 -6.30
CA GLU A 30 -12.86 -22.73 -6.99
C GLU A 30 -13.52 -24.00 -6.44
N GLN A 31 -13.97 -23.98 -5.19
CA GLN A 31 -14.76 -25.09 -4.63
C GLN A 31 -16.16 -25.24 -5.25
N GLY A 32 -16.60 -24.24 -6.02
CA GLY A 32 -17.76 -24.41 -6.92
C GLY A 32 -19.14 -24.18 -6.35
N ALA A 33 -19.25 -23.93 -5.05
CA ALA A 33 -20.53 -23.55 -4.43
C ALA A 33 -20.78 -22.05 -4.61
N GLU A 34 -22.06 -21.67 -4.57
CA GLU A 34 -22.45 -20.27 -4.75
C GLU A 34 -21.93 -19.46 -3.55
N LEU A 35 -21.35 -18.29 -3.81
CA LEU A 35 -20.82 -17.45 -2.72
C LEU A 35 -21.94 -16.76 -1.99
N SER A 36 -21.79 -16.61 -0.68
CA SER A 36 -22.71 -15.78 0.11
C SER A 36 -22.45 -14.32 -0.23
N ASN A 37 -23.29 -13.41 0.27
CA ASN A 37 -23.06 -11.97 0.06
C ASN A 37 -21.71 -11.52 0.66
N GLU A 38 -21.34 -12.08 1.82
CA GLU A 38 -20.09 -11.73 2.50
C GLU A 38 -18.85 -12.22 1.72
N GLU A 39 -18.92 -13.46 1.24
CA GLU A 39 -17.85 -14.04 0.41
C GLU A 39 -17.70 -13.29 -0.92
N ARG A 40 -18.82 -12.90 -1.49
CA ARG A 40 -18.85 -12.09 -2.70
C ARG A 40 -18.10 -10.78 -2.50
N ASN A 41 -18.40 -10.09 -1.40
CA ASN A 41 -17.79 -8.80 -1.09
C ASN A 41 -16.30 -8.94 -0.81
N LEU A 42 -15.91 -10.00 -0.11
CA LEU A 42 -14.49 -10.27 0.16
C LEU A 42 -13.72 -10.53 -1.13
N LEU A 43 -14.31 -11.30 -2.04
CA LEU A 43 -13.70 -11.57 -3.32
C LEU A 43 -13.46 -10.27 -4.08
N SER A 44 -14.49 -9.43 -4.18
CA SER A 44 -14.38 -8.19 -4.98
C SER A 44 -13.44 -7.17 -4.35
N VAL A 45 -13.52 -6.99 -3.04
CA VAL A 45 -12.54 -6.15 -2.32
C VAL A 45 -11.10 -6.62 -2.57
N ALA A 46 -10.87 -7.91 -2.41
CA ALA A 46 -9.52 -8.44 -2.58
C ALA A 46 -8.92 -8.06 -3.92
N TYR A 47 -9.60 -8.45 -5.00
CA TYR A 47 -9.08 -8.22 -6.35
C TYR A 47 -9.04 -6.75 -6.77
N LYS A 48 -9.95 -5.94 -6.22
CA LYS A 48 -9.99 -4.52 -6.52
C LYS A 48 -8.70 -3.86 -6.00
N ASN A 49 -8.32 -4.19 -4.78
CA ASN A 49 -7.04 -3.71 -4.25
C ASN A 49 -5.82 -4.22 -5.03
N VAL A 50 -5.83 -5.49 -5.42
CA VAL A 50 -4.75 -6.08 -6.22
C VAL A 50 -4.68 -5.44 -7.62
N VAL A 51 -5.79 -5.42 -8.35
CA VAL A 51 -5.79 -4.76 -9.65
C VAL A 51 -5.53 -3.26 -9.55
N GLY A 52 -6.10 -2.62 -8.52
CA GLY A 52 -6.03 -1.18 -8.36
C GLY A 52 -4.63 -0.64 -8.22
N ALA A 53 -3.81 -1.38 -7.47
CA ALA A 53 -2.42 -0.98 -7.25
C ALA A 53 -1.66 -0.94 -8.57
N ARG A 54 -1.89 -1.92 -9.44
CA ARG A 54 -1.26 -1.98 -10.77
C ARG A 54 -1.76 -0.85 -11.68
N ARG A 55 -3.05 -0.57 -11.61
CA ARG A 55 -3.64 0.51 -12.41
C ARG A 55 -3.00 1.85 -12.10
N SER A 56 -2.95 2.20 -10.81
CA SER A 56 -2.36 3.49 -10.42
C SER A 56 -0.91 3.52 -10.84
N SER A 57 -0.22 2.41 -10.57
CA SER A 57 1.18 2.25 -10.88
C SER A 57 1.42 2.40 -12.38
N TRP A 58 0.58 1.75 -13.19
CA TRP A 58 0.58 1.90 -14.65
C TRP A 58 0.38 3.34 -15.12
N ARG A 59 -0.58 4.05 -14.52
CA ARG A 59 -0.84 5.43 -14.91
C ARG A 59 0.35 6.34 -14.68
N VAL A 60 0.95 6.23 -13.49
CA VAL A 60 2.10 7.04 -13.12
C VAL A 60 3.27 6.83 -14.09
N VAL A 61 3.55 5.56 -14.40
CA VAL A 61 4.68 5.21 -15.28
C VAL A 61 4.37 5.60 -16.74
N SER A 62 3.12 5.44 -17.17
CA SER A 62 2.64 5.97 -18.46
C SER A 62 2.89 7.49 -18.59
N SER A 63 2.50 8.27 -17.58
CA SER A 63 2.75 9.74 -17.55
C SER A 63 4.20 10.08 -17.77
N ILE A 64 5.09 9.29 -17.15
CA ILE A 64 6.52 9.54 -17.24
C ILE A 64 7.04 9.21 -18.64
N GLU A 65 6.53 8.14 -19.24
CA GLU A 65 6.97 7.72 -20.58
C GLU A 65 6.81 8.86 -21.61
N GLN A 66 5.67 9.55 -21.53
CA GLN A 66 5.36 10.68 -22.41
C GLN A 66 6.35 11.84 -22.18
N LYS A 67 6.40 12.33 -20.95
CA LYS A 67 7.30 13.44 -20.61
C LYS A 67 8.81 13.11 -20.79
N THR A 68 9.18 11.82 -20.71
CA THR A 68 10.58 11.40 -20.95
C THR A 68 10.93 11.46 -22.44
N GLU A 72 14.89 10.55 -23.76
CA GLU A 72 15.50 10.11 -25.02
C GLU A 72 15.44 8.57 -25.18
N LYS A 73 16.45 7.85 -24.68
CA LYS A 73 16.37 6.39 -24.48
C LYS A 73 16.22 6.05 -22.99
N LYS A 74 16.04 7.08 -22.15
CA LYS A 74 15.50 6.92 -20.80
C LYS A 74 14.00 6.55 -20.84
N GLN A 75 13.29 7.05 -21.85
CA GLN A 75 11.88 6.68 -22.07
C GLN A 75 11.69 5.24 -22.55
N GLN A 76 12.76 4.57 -22.96
CA GLN A 76 12.74 3.13 -23.20
C GLN A 76 12.51 2.38 -21.89
N MET A 77 13.28 2.76 -20.86
CA MET A 77 13.19 2.13 -19.53
C MET A 77 11.80 2.23 -18.90
N ALA A 78 11.18 3.40 -19.03
CA ALA A 78 9.80 3.59 -18.60
C ALA A 78 8.87 2.61 -19.34
N ARG A 79 9.03 2.51 -20.66
CA ARG A 79 8.22 1.61 -21.49
C ARG A 79 8.38 0.14 -21.10
N GLU A 80 9.61 -0.30 -20.86
CA GLU A 80 9.86 -1.69 -20.42
C GLU A 80 9.29 -1.99 -19.03
N TYR A 81 9.25 -0.97 -18.17
CA TYR A 81 8.63 -1.07 -16.84
C TYR A 81 7.10 -1.06 -16.96
N ARG A 82 6.57 -0.18 -17.82
CA ARG A 82 5.13 -0.17 -18.09
C ARG A 82 4.65 -1.54 -18.57
N GLU A 83 5.33 -2.10 -19.56
CA GLU A 83 5.04 -3.46 -20.03
C GLU A 83 5.06 -4.50 -18.90
N LYS A 84 6.05 -4.41 -18.01
CA LYS A 84 6.15 -5.30 -16.84
C LYS A 84 4.91 -5.21 -15.95
N ILE A 85 4.47 -3.98 -15.70
CA ILE A 85 3.26 -3.70 -14.92
C ILE A 85 1.99 -4.19 -15.64
N GLU A 86 1.95 -4.07 -16.97
CA GLU A 86 0.80 -4.54 -17.75
C GLU A 86 0.63 -6.04 -17.65
N THR A 87 1.71 -6.80 -17.71
CA THR A 87 1.59 -8.26 -17.71
C THR A 87 1.10 -8.76 -16.36
N GLU A 88 1.44 -8.06 -15.28
CA GLU A 88 0.86 -8.33 -13.96
C GLU A 88 -0.63 -7.99 -13.97
N LEU A 89 -0.95 -6.80 -14.46
CA LEU A 89 -2.33 -6.33 -14.57
C LEU A 89 -3.19 -7.32 -15.37
N ARG A 90 -2.71 -7.72 -16.55
CA ARG A 90 -3.48 -8.61 -17.44
C ARG A 90 -3.70 -9.98 -16.82
N ASP A 91 -2.68 -10.50 -16.14
CA ASP A 91 -2.81 -11.78 -15.43
C ASP A 91 -3.84 -11.71 -14.30
N ILE A 92 -3.85 -10.60 -13.56
CA ILE A 92 -4.86 -10.39 -12.52
C ILE A 92 -6.26 -10.32 -13.13
N CYS A 93 -6.43 -9.52 -14.19
CA CYS A 93 -7.72 -9.46 -14.87
C CYS A 93 -8.17 -10.81 -15.45
N ASN A 94 -7.23 -11.55 -16.05
CA ASN A 94 -7.56 -12.86 -16.63
C ASN A 94 -7.90 -13.90 -15.57
N ASP A 95 -7.31 -13.79 -14.38
CA ASP A 95 -7.75 -14.63 -13.24
C ASP A 95 -9.19 -14.35 -12.84
N VAL A 96 -9.54 -13.08 -12.68
CA VAL A 96 -10.88 -12.73 -12.22
C VAL A 96 -11.88 -13.17 -13.28
N LEU A 97 -11.59 -12.87 -14.53
CA LEU A 97 -12.46 -13.24 -15.65
C LEU A 97 -12.72 -14.75 -15.79
N SER A 98 -11.70 -15.58 -15.53
CA SER A 98 -11.88 -17.05 -15.51
C SER A 98 -12.83 -17.48 -14.40
N LEU A 99 -12.61 -16.94 -13.19
CA LEU A 99 -13.50 -17.21 -12.07
C LEU A 99 -14.95 -16.82 -12.42
N LEU A 100 -15.12 -15.68 -13.07
CA LEU A 100 -16.45 -15.22 -13.46
C LEU A 100 -17.16 -16.13 -14.49
N GLU A 101 -16.40 -16.68 -15.44
CA GLU A 101 -17.00 -17.57 -16.45
C GLU A 101 -17.15 -19.00 -15.92
N LYS A 102 -16.10 -19.56 -15.34
CA LYS A 102 -16.14 -20.96 -14.92
C LYS A 102 -17.03 -21.24 -13.70
N PHE A 103 -17.29 -20.23 -12.86
CA PHE A 103 -17.97 -20.44 -11.57
C PHE A 103 -19.08 -19.45 -11.25
N LEU A 104 -18.73 -18.16 -11.15
CA LEU A 104 -19.60 -17.18 -10.49
C LEU A 104 -20.84 -16.80 -11.30
N ILE A 105 -20.68 -16.51 -12.58
CA ILE A 105 -21.84 -16.16 -13.41
C ILE A 105 -22.82 -17.34 -13.62
N PRO A 106 -22.31 -18.55 -13.97
CA PRO A 106 -23.22 -19.71 -14.09
C PRO A 106 -24.00 -20.14 -12.83
N ASN A 107 -23.37 -20.09 -11.66
CA ASN A 107 -24.05 -20.44 -10.39
C ASN A 107 -24.91 -19.33 -9.78
N ALA A 108 -24.92 -18.13 -10.36
CA ALA A 108 -25.61 -17.00 -9.74
C ALA A 108 -27.13 -17.17 -9.84
N SER A 109 -27.77 -17.46 -8.70
CA SER A 109 -29.17 -17.88 -8.69
C SER A 109 -30.18 -16.74 -8.52
N GLN A 110 -29.71 -15.55 -8.14
CA GLN A 110 -30.56 -14.36 -7.99
C GLN A 110 -30.10 -13.29 -8.97
N ALA A 111 -31.01 -12.38 -9.31
CA ALA A 111 -30.70 -11.25 -10.19
C ALA A 111 -29.55 -10.41 -9.63
N GLU A 112 -29.64 -10.13 -8.33
CA GLU A 112 -28.62 -9.43 -7.57
C GLU A 112 -27.21 -9.96 -7.83
N SER A 113 -27.03 -11.26 -7.65
CA SER A 113 -25.74 -11.91 -7.91
C SER A 113 -25.34 -11.81 -9.37
N LYS A 114 -26.28 -12.08 -10.29
CA LYS A 114 -25.97 -11.99 -11.70
C LYS A 114 -25.51 -10.60 -12.15
N VAL A 115 -26.25 -9.56 -11.76
CA VAL A 115 -25.90 -8.18 -12.12
C VAL A 115 -24.51 -7.88 -11.57
N PHE A 116 -24.31 -8.16 -10.28
CA PHE A 116 -23.03 -7.95 -9.60
C PHE A 116 -21.85 -8.60 -10.32
N TYR A 117 -21.98 -9.88 -10.67
CA TYR A 117 -20.88 -10.56 -11.37
C TYR A 117 -20.70 -10.12 -12.83
N LEU A 118 -21.80 -9.77 -13.51
CA LEU A 118 -21.71 -9.22 -14.86
C LEU A 118 -21.11 -7.82 -14.88
N LYS A 119 -21.50 -7.01 -13.90
CA LYS A 119 -20.86 -5.73 -13.63
C LYS A 119 -19.36 -5.92 -13.44
N MET A 120 -18.99 -6.90 -12.60
CA MET A 120 -17.57 -7.20 -12.33
C MET A 120 -16.88 -7.58 -13.64
N LYS A 121 -17.51 -8.46 -14.41
CA LYS A 121 -16.99 -8.82 -15.73
C LYS A 121 -16.76 -7.57 -16.59
N GLY A 122 -17.74 -6.68 -16.63
CA GLY A 122 -17.57 -5.39 -17.31
C GLY A 122 -16.38 -4.59 -16.83
N ASP A 123 -16.26 -4.46 -15.50
CA ASP A 123 -15.13 -3.77 -14.87
C ASP A 123 -13.79 -4.34 -15.32
N TYR A 124 -13.61 -5.65 -15.24
CA TYR A 124 -12.29 -6.22 -15.51
C TYR A 124 -11.91 -6.23 -17.00
N TYR A 125 -12.87 -6.35 -17.93
CA TYR A 125 -12.56 -6.11 -19.35
C TYR A 125 -12.26 -4.63 -19.59
N ARG A 126 -12.98 -3.73 -18.91
CA ARG A 126 -12.63 -2.30 -18.92
C ARG A 126 -11.18 -2.03 -18.46
N TYR A 127 -10.67 -2.78 -17.49
CA TYR A 127 -9.26 -2.61 -17.07
C TYR A 127 -8.28 -3.12 -18.12
N LEU A 128 -8.62 -4.23 -18.79
CA LEU A 128 -7.81 -4.70 -19.92
C LEU A 128 -7.81 -3.70 -21.08
N ALA A 129 -8.95 -3.02 -21.28
CA ALA A 129 -9.13 -2.13 -22.40
C ALA A 129 -8.33 -0.84 -22.24
N GLU A 130 -8.34 -0.31 -21.01
CA GLU A 130 -7.47 0.82 -20.63
C GLU A 130 -6.00 0.66 -21.04
N VAL A 131 -5.56 -0.60 -21.14
CA VAL A 131 -4.16 -0.96 -21.32
C VAL A 131 -3.87 -1.79 -22.59
N ALA A 132 -4.89 -1.98 -23.45
CA ALA A 132 -4.73 -2.80 -24.64
C ALA A 132 -4.24 -2.01 -25.84
N ALA A 133 -3.55 -2.70 -26.75
CA ALA A 133 -3.08 -2.15 -28.03
C ALA A 133 -4.26 -2.13 -28.98
N GLY A 134 -4.16 -1.37 -30.06
CA GLY A 134 -5.24 -1.13 -31.03
C GLY A 134 -5.83 -2.33 -31.77
N ASP A 135 -5.05 -3.40 -31.93
CA ASP A 135 -5.52 -4.70 -32.45
C ASP A 135 -6.55 -5.54 -31.68
N ASP A 136 -6.37 -5.59 -30.36
CA ASP A 136 -7.27 -6.30 -29.44
C ASP A 136 -8.18 -5.36 -28.67
N LYS A 137 -7.95 -4.05 -28.77
CA LYS A 137 -8.68 -3.10 -27.94
C LYS A 137 -10.18 -3.15 -28.20
N LYS A 138 -10.59 -2.92 -29.45
CA LYS A 138 -12.01 -2.90 -29.85
C LYS A 138 -12.75 -4.23 -29.56
N GLY A 139 -12.04 -5.35 -29.66
CA GLY A 139 -12.58 -6.66 -29.30
C GLY A 139 -12.79 -6.83 -27.80
N ILE A 140 -11.86 -6.32 -27.00
CA ILE A 140 -11.97 -6.32 -25.53
C ILE A 140 -13.03 -5.31 -25.10
N VAL A 141 -12.99 -4.10 -25.66
CA VAL A 141 -14.04 -3.08 -25.44
C VAL A 141 -15.44 -3.67 -25.64
N ASP A 142 -15.58 -4.53 -26.66
CA ASP A 142 -16.86 -5.18 -26.98
C ASP A 142 -17.34 -6.04 -25.82
N GLN A 143 -16.49 -6.97 -25.38
CA GLN A 143 -16.78 -7.85 -24.24
C GLN A 143 -17.26 -7.07 -23.01
N SER A 144 -16.54 -6.00 -22.68
CA SER A 144 -16.88 -5.11 -21.57
C SER A 144 -18.27 -4.51 -21.74
N GLN A 145 -18.51 -3.93 -22.92
CA GLN A 145 -19.82 -3.35 -23.22
C GLN A 145 -20.96 -4.39 -23.16
N GLN A 146 -20.69 -5.60 -23.58
CA GLN A 146 -21.71 -6.62 -23.55
C GLN A 146 -22.06 -6.95 -22.13
N ALA A 147 -21.07 -7.35 -21.37
CA ALA A 147 -21.26 -7.68 -19.95
C ALA A 147 -22.04 -6.60 -19.23
N TYR A 148 -21.59 -5.35 -19.35
CA TYR A 148 -22.30 -4.24 -18.71
C TYR A 148 -23.75 -4.15 -19.18
N GLN A 149 -23.96 -4.32 -20.48
CA GLN A 149 -25.29 -4.16 -21.11
C GLN A 149 -26.28 -5.21 -20.59
N GLU A 150 -25.80 -6.45 -20.56
CA GLU A 150 -26.57 -7.56 -20.03
C GLU A 150 -26.97 -7.29 -18.57
N ALA A 151 -26.02 -6.78 -17.78
CA ALA A 151 -26.27 -6.42 -16.38
C ALA A 151 -27.29 -5.31 -16.26
N PHE A 152 -27.18 -4.33 -17.15
CA PHE A 152 -28.08 -3.18 -17.18
C PHE A 152 -29.52 -3.61 -17.45
N GLU A 153 -29.71 -4.54 -18.37
CA GLU A 153 -31.05 -5.03 -18.73
C GLU A 153 -31.68 -5.77 -17.56
N ILE A 154 -30.94 -6.74 -17.02
CA ILE A 154 -31.40 -7.50 -15.85
C ILE A 154 -31.77 -6.59 -14.68
N SER A 155 -30.95 -5.59 -14.36
CA SER A 155 -31.24 -4.71 -13.21
C SER A 155 -32.38 -3.74 -13.44
N LYS A 156 -32.68 -3.41 -14.71
CA LYS A 156 -33.89 -2.61 -15.03
C LYS A 156 -35.19 -3.41 -14.81
N LYS A 157 -35.21 -4.68 -15.21
CA LYS A 157 -36.40 -5.54 -15.02
C LYS A 157 -36.61 -5.99 -13.58
N GLU A 158 -35.51 -6.25 -12.85
CA GLU A 158 -35.55 -7.05 -11.62
C GLU A 158 -35.25 -6.31 -10.30
N MET A 159 -34.71 -5.10 -10.35
CA MET A 159 -34.21 -4.42 -9.14
C MET A 159 -34.73 -3.00 -9.05
N GLN A 160 -34.87 -2.50 -7.81
CA GLN A 160 -35.30 -1.13 -7.56
C GLN A 160 -34.24 -0.12 -8.04
N PRO A 161 -34.65 1.07 -8.54
CA PRO A 161 -33.67 2.12 -8.90
C PRO A 161 -32.72 2.58 -7.78
N THR A 162 -33.11 2.39 -6.52
CA THR A 162 -32.27 2.70 -5.36
C THR A 162 -31.31 1.57 -4.94
N HIS A 163 -31.40 0.39 -5.56
CA HIS A 163 -30.52 -0.73 -5.17
C HIS A 163 -29.09 -0.34 -5.48
N PRO A 164 -28.18 -0.35 -4.48
CA PRO A 164 -26.80 0.10 -4.71
C PRO A 164 -26.01 -0.66 -5.80
N ILE A 165 -26.35 -1.92 -6.03
CA ILE A 165 -25.79 -2.68 -7.14
C ILE A 165 -26.24 -2.13 -8.50
N ARG A 166 -27.51 -1.76 -8.63
CA ARG A 166 -28.02 -1.11 -9.85
C ARG A 166 -27.38 0.26 -10.09
N LEU A 167 -27.29 1.06 -9.03
CA LEU A 167 -26.67 2.38 -9.10
C LEU A 167 -25.17 2.29 -9.37
N GLY A 168 -24.53 1.26 -8.82
CA GLY A 168 -23.10 1.04 -8.99
C GLY A 168 -22.78 0.65 -10.42
N LEU A 169 -23.60 -0.23 -10.97
CA LEU A 169 -23.53 -0.57 -12.40
C LEU A 169 -23.67 0.69 -13.23
N ALA A 170 -24.65 1.52 -12.90
CA ALA A 170 -24.87 2.75 -13.64
C ALA A 170 -23.62 3.61 -13.58
N LEU A 171 -23.07 3.81 -12.38
CA LEU A 171 -21.88 4.62 -12.20
C LEU A 171 -20.74 4.12 -13.09
N ASN A 172 -20.43 2.82 -13.00
CA ASN A 172 -19.31 2.26 -13.74
C ASN A 172 -19.56 2.29 -15.26
N PHE A 173 -20.82 2.07 -15.66
CA PHE A 173 -21.17 1.99 -17.08
C PHE A 173 -21.05 3.38 -17.73
N SER A 174 -21.46 4.42 -16.99
CA SER A 174 -21.13 5.82 -17.33
C SER A 174 -19.64 6.00 -17.61
N VAL A 175 -18.82 5.56 -16.66
CA VAL A 175 -17.37 5.69 -16.73
C VAL A 175 -16.81 4.98 -17.96
N PHE A 176 -17.34 3.79 -18.27
CA PHE A 176 -16.95 3.07 -19.50
C PHE A 176 -17.21 3.93 -20.74
N TYR A 177 -18.38 4.55 -20.78
CA TYR A 177 -18.74 5.42 -21.88
C TYR A 177 -17.86 6.66 -21.96
N TYR A 178 -17.50 7.25 -20.82
CA TYR A 178 -16.70 8.47 -20.83
C TYR A 178 -15.24 8.20 -21.18
N GLU A 179 -14.66 7.20 -20.51
CA GLU A 179 -13.23 6.95 -20.58
C GLU A 179 -12.81 6.01 -21.70
N ILE A 180 -13.60 4.99 -22.01
CA ILE A 180 -13.20 3.96 -23.02
C ILE A 180 -13.68 4.31 -24.43
N LEU A 181 -15.00 4.44 -24.59
CA LEU A 181 -15.57 5.10 -25.78
C LEU A 181 -15.53 6.56 -25.42
N ASN A 182 -15.54 7.46 -26.39
CA ASN A 182 -15.28 8.87 -26.08
C ASN A 182 -16.57 9.68 -26.21
N SER A 183 -17.59 9.25 -25.46
CA SER A 183 -18.94 9.83 -25.56
C SER A 183 -19.39 10.42 -24.23
N PRO A 184 -19.02 11.69 -23.98
CA PRO A 184 -19.44 12.38 -22.75
C PRO A 184 -20.94 12.51 -22.54
N GLU A 185 -21.71 12.58 -23.62
CA GLU A 185 -23.16 12.79 -23.51
C GLU A 185 -23.91 11.46 -23.31
N LYS A 186 -23.38 10.38 -23.90
CA LYS A 186 -23.90 9.03 -23.69
C LYS A 186 -23.63 8.58 -22.25
N ALA A 187 -22.47 8.97 -21.72
CA ALA A 187 -22.12 8.72 -20.32
C ALA A 187 -22.98 9.56 -19.39
N CYS A 188 -23.18 10.83 -19.75
CA CYS A 188 -23.97 11.76 -18.94
C CYS A 188 -25.46 11.37 -18.85
N SER A 189 -26.00 10.82 -19.94
CA SER A 189 -27.41 10.41 -19.97
C SER A 189 -27.65 9.28 -18.96
N LEU A 190 -26.91 8.19 -19.13
CA LEU A 190 -26.96 7.00 -18.29
C LEU A 190 -26.89 7.33 -16.79
N ALA A 191 -25.93 8.18 -16.44
CA ALA A 191 -25.77 8.64 -15.05
C ALA A 191 -26.93 9.49 -14.56
N LYS A 192 -27.41 10.39 -15.42
CA LYS A 192 -28.50 11.29 -15.07
C LYS A 192 -29.82 10.54 -14.87
N THR A 193 -30.14 9.59 -15.74
CA THR A 193 -31.40 8.86 -15.61
C THR A 193 -31.33 7.99 -14.35
N ALA A 194 -30.25 7.23 -14.19
CA ALA A 194 -30.01 6.43 -12.99
C ALA A 194 -30.21 7.24 -11.72
N PHE A 195 -29.64 8.44 -11.69
CA PHE A 195 -29.78 9.35 -10.55
C PHE A 195 -31.24 9.80 -10.39
N ASP A 196 -31.84 10.32 -11.46
CA ASP A 196 -33.24 10.81 -11.45
C ASP A 196 -34.22 9.72 -11.05
N GLU A 197 -34.05 8.53 -11.63
CA GLU A 197 -34.88 7.36 -11.30
C GLU A 197 -34.78 7.00 -9.82
N ALA A 198 -33.59 7.14 -9.24
CA ALA A 198 -33.38 6.93 -7.80
C ALA A 198 -34.05 7.99 -6.95
N ILE A 199 -33.97 9.26 -7.37
CA ILE A 199 -34.66 10.35 -6.67
C ILE A 199 -36.19 10.17 -6.72
N ALA A 200 -36.70 9.63 -7.82
CA ALA A 200 -38.13 9.36 -7.99
C ALA A 200 -38.68 8.32 -7.02
N GLU A 201 -37.88 7.29 -6.73
CA GLU A 201 -38.29 6.22 -5.81
C GLU A 201 -38.22 6.61 -4.34
N LEU A 202 -37.47 7.66 -4.00
CA LEU A 202 -37.55 8.23 -2.65
C LEU A 202 -38.96 8.78 -2.35
N ASP A 203 -39.50 9.64 -3.24
CA ASP A 203 -40.76 10.38 -2.99
C ASP A 203 -42.03 9.52 -3.05
N SER A 209 -34.22 0.66 2.92
CA SER A 209 -33.44 0.95 4.13
C SER A 209 -31.93 0.71 3.92
N TYR A 210 -31.29 1.66 3.24
CA TYR A 210 -29.82 1.64 2.99
C TYR A 210 -29.20 3.05 2.72
N LYS A 211 -27.99 3.25 3.26
CA LYS A 211 -27.21 4.51 3.14
C LYS A 211 -26.10 4.46 2.08
N ASP A 212 -25.72 3.25 1.64
CA ASP A 212 -24.80 3.10 0.53
C ASP A 212 -25.37 3.61 -0.81
N SER A 213 -26.70 3.56 -0.98
CA SER A 213 -27.35 4.04 -2.21
C SER A 213 -27.16 5.54 -2.43
N THR A 214 -27.41 6.33 -1.39
CA THR A 214 -27.28 7.78 -1.47
C THR A 214 -25.85 8.22 -1.71
N LEU A 215 -24.89 7.47 -1.14
CA LEU A 215 -23.49 7.71 -1.45
C LEU A 215 -23.19 7.55 -2.95
N ILE A 216 -23.72 6.49 -3.56
CA ILE A 216 -23.49 6.22 -4.99
C ILE A 216 -24.19 7.27 -5.85
N MET A 217 -25.37 7.72 -5.41
CA MET A 217 -26.06 8.83 -6.07
C MET A 217 -25.18 10.08 -6.08
N GLN A 218 -24.57 10.40 -4.96
CA GLN A 218 -23.67 11.55 -4.85
C GLN A 218 -22.51 11.43 -5.83
N LEU A 219 -21.99 10.22 -6.01
CA LEU A 219 -20.93 9.97 -6.99
C LEU A 219 -21.39 10.10 -8.43
N LEU A 220 -22.62 9.64 -8.71
CA LEU A 220 -23.23 9.83 -10.03
C LEU A 220 -23.29 11.33 -10.39
N ARG A 221 -23.81 12.14 -9.46
CA ARG A 221 -23.96 13.57 -9.73
C ARG A 221 -22.60 14.31 -9.83
N ASP A 222 -21.63 13.90 -9.01
CA ASP A 222 -20.25 14.39 -9.13
C ASP A 222 -19.67 14.16 -10.52
N ASN A 223 -19.97 13.01 -11.13
CA ASN A 223 -19.51 12.74 -12.50
C ASN A 223 -20.20 13.63 -13.52
N LEU A 224 -21.49 13.90 -13.32
CA LEU A 224 -22.23 14.81 -14.20
C LEU A 224 -21.59 16.18 -14.16
N THR A 225 -21.50 16.75 -12.96
CA THR A 225 -20.97 18.11 -12.76
C THR A 225 -19.56 18.29 -13.34
N LEU A 226 -18.73 17.25 -13.23
CA LEU A 226 -17.39 17.23 -13.82
C LEU A 226 -17.44 17.19 -15.35
N TRP A 227 -18.11 16.18 -15.89
CA TRP A 227 -18.06 15.86 -17.32
C TRP A 227 -18.69 16.90 -18.27
N THR A 228 -19.52 17.78 -17.74
CA THR A 228 -20.09 18.88 -18.51
C THR A 228 -20.01 20.17 -17.69
N SER A 229 -19.06 21.04 -18.07
CA SER A 229 -18.85 22.34 -17.43
C SER A 229 -18.60 22.24 -15.92
N ASP B 1 24.87 -1.44 -14.79
CA ASP B 1 25.28 0.00 -14.63
C ASP B 1 24.57 0.65 -13.44
N LYS B 2 25.33 1.32 -12.57
CA LYS B 2 24.79 1.92 -11.35
C LYS B 2 23.67 2.93 -11.64
N ASN B 3 23.88 3.80 -12.62
CA ASN B 3 22.89 4.82 -12.98
C ASN B 3 21.57 4.26 -13.50
N GLU B 4 21.62 3.16 -14.24
CA GLU B 4 20.39 2.44 -14.63
C GLU B 4 19.55 2.06 -13.40
N LEU B 5 20.19 1.36 -12.46
CA LEU B 5 19.51 0.82 -11.27
C LEU B 5 18.95 1.93 -10.37
N VAL B 6 19.74 2.97 -10.16
CA VAL B 6 19.31 4.16 -9.40
C VAL B 6 18.08 4.83 -10.05
N GLN B 7 18.08 4.98 -11.37
CA GLN B 7 16.93 5.58 -12.08
C GLN B 7 15.71 4.67 -12.07
N LYS B 8 15.91 3.36 -12.15
CA LYS B 8 14.82 2.39 -11.94
C LYS B 8 14.20 2.52 -10.54
N ALA B 9 15.06 2.64 -9.52
CA ALA B 9 14.61 2.78 -8.15
C ALA B 9 13.72 4.01 -7.99
N LYS B 10 14.08 5.10 -8.65
CA LYS B 10 13.25 6.31 -8.65
C LYS B 10 11.90 6.11 -9.35
N LEU B 11 11.90 5.38 -10.47
CA LEU B 11 10.64 5.04 -11.17
C LEU B 11 9.77 4.17 -10.28
N ALA B 12 10.39 3.14 -9.70
CA ALA B 12 9.75 2.26 -8.73
C ALA B 12 9.13 3.03 -7.57
N GLU B 13 9.84 4.05 -7.07
CA GLU B 13 9.32 4.92 -5.98
C GLU B 13 8.05 5.65 -6.41
N GLN B 14 8.09 6.31 -7.56
CA GLN B 14 6.93 7.05 -8.08
C GLN B 14 5.73 6.11 -8.33
N ALA B 15 6.02 4.87 -8.76
CA ALA B 15 5.00 3.83 -8.93
C ALA B 15 4.47 3.17 -7.64
N GLU B 16 5.05 3.53 -6.49
CA GLU B 16 4.74 2.91 -5.19
C GLU B 16 4.98 1.41 -5.19
N ARG B 17 6.05 0.99 -5.87
CA ARG B 17 6.40 -0.41 -5.99
C ARG B 17 7.71 -0.61 -5.23
N TYR B 18 7.59 -0.78 -3.91
CA TYR B 18 8.75 -0.69 -3.03
C TYR B 18 9.61 -1.95 -2.98
N ASP B 19 9.03 -3.12 -3.24
CA ASP B 19 9.83 -4.36 -3.44
C ASP B 19 10.79 -4.15 -4.62
N ASP B 20 10.30 -3.61 -5.74
CA ASP B 20 11.17 -3.28 -6.89
C ASP B 20 12.23 -2.25 -6.52
N MET B 21 11.82 -1.23 -5.77
CA MET B 21 12.71 -0.16 -5.40
C MET B 21 13.85 -0.71 -4.55
N ALA B 22 13.50 -1.49 -3.53
CA ALA B 22 14.48 -2.10 -2.62
C ALA B 22 15.45 -3.04 -3.34
N ALA B 23 14.94 -3.82 -4.29
CA ALA B 23 15.77 -4.73 -5.07
C ALA B 23 16.81 -3.97 -5.89
N MET B 25 18.00 -0.92 -5.30
CA MET B 25 18.97 -0.25 -4.43
C MET B 25 19.86 -1.24 -3.69
N LYS B 26 19.39 -2.48 -3.54
CA LYS B 26 20.24 -3.56 -3.03
C LYS B 26 21.38 -3.86 -4.02
N SER B 27 21.04 -4.03 -5.29
CA SER B 27 22.05 -4.23 -6.33
C SER B 27 23.09 -3.12 -6.36
N VAL B 28 22.67 -1.87 -6.21
CA VAL B 28 23.58 -0.72 -6.20
C VAL B 28 24.56 -0.87 -5.03
N THR B 29 24.04 -1.11 -3.84
CA THR B 29 24.88 -1.30 -2.65
C THR B 29 25.87 -2.45 -2.83
N GLU B 30 25.43 -3.53 -3.48
CA GLU B 30 26.26 -4.73 -3.68
C GLU B 30 27.45 -4.52 -4.63
N GLN B 31 27.39 -3.48 -5.47
CA GLN B 31 28.53 -3.07 -6.29
C GLN B 31 29.69 -2.40 -5.51
N GLY B 32 29.61 -2.35 -4.18
CA GLY B 32 30.76 -2.00 -3.34
C GLY B 32 31.20 -0.54 -3.28
N ALA B 33 30.49 0.35 -3.98
CA ALA B 33 30.83 1.77 -3.99
C ALA B 33 30.01 2.54 -2.95
N GLU B 34 30.65 3.53 -2.32
CA GLU B 34 30.02 4.41 -1.34
C GLU B 34 28.87 5.17 -1.98
N LEU B 35 27.70 5.09 -1.36
CA LEU B 35 26.50 5.72 -1.89
C LEU B 35 26.49 7.23 -1.64
N SER B 36 25.92 7.96 -2.60
CA SER B 36 25.58 9.37 -2.44
C SER B 36 24.42 9.57 -1.46
N ASN B 37 24.23 10.82 -1.04
CA ASN B 37 23.07 11.23 -0.23
C ASN B 37 21.77 10.74 -0.89
N GLU B 38 21.62 10.96 -2.19
CA GLU B 38 20.44 10.49 -2.91
C GLU B 38 20.24 8.97 -2.82
N GLU B 39 21.32 8.23 -3.07
CA GLU B 39 21.27 6.76 -3.08
C GLU B 39 20.95 6.16 -1.70
N ARG B 40 21.58 6.67 -0.63
N ARG B 40 21.62 6.68 -0.66
CA ARG B 40 21.28 6.14 0.71
CA ARG B 40 21.32 6.35 0.75
C ARG B 40 19.82 6.43 1.15
C ARG B 40 19.85 6.42 1.08
N ASN B 41 19.26 7.57 0.74
CA ASN B 41 17.86 7.86 1.02
C ASN B 41 16.91 6.99 0.21
N LEU B 42 17.20 6.77 -1.07
CA LEU B 42 16.44 5.79 -1.89
C LEU B 42 16.41 4.39 -1.25
N LEU B 43 17.58 3.92 -0.83
CA LEU B 43 17.69 2.64 -0.14
C LEU B 43 16.89 2.65 1.15
N SER B 44 17.10 3.68 1.96
CA SER B 44 16.39 3.80 3.23
C SER B 44 14.88 3.84 3.05
N VAL B 45 14.39 4.69 2.15
CA VAL B 45 12.96 4.80 1.89
C VAL B 45 12.36 3.46 1.43
N ALA B 46 13.04 2.81 0.50
CA ALA B 46 12.58 1.54 -0.06
C ALA B 46 12.35 0.50 1.03
N TYR B 47 13.37 0.27 1.85
CA TYR B 47 13.30 -0.80 2.83
C TYR B 47 12.38 -0.45 3.97
N LYS B 48 12.33 0.83 4.32
CA LYS B 48 11.43 1.31 5.35
C LYS B 48 9.95 1.05 4.99
N ASN B 49 9.61 1.26 3.72
CA ASN B 49 8.27 0.91 3.22
C ASN B 49 8.02 -0.59 3.17
N VAL B 50 9.01 -1.37 2.76
CA VAL B 50 8.88 -2.83 2.67
C VAL B 50 8.70 -3.45 4.06
N VAL B 51 9.60 -3.13 4.99
CA VAL B 51 9.48 -3.60 6.37
C VAL B 51 8.26 -3.01 7.10
N GLY B 52 7.89 -1.77 6.76
CA GLY B 52 6.82 -1.07 7.47
C GLY B 52 5.45 -1.70 7.30
N ALA B 53 5.20 -2.21 6.09
CA ALA B 53 3.95 -2.93 5.81
C ALA B 53 3.84 -4.20 6.64
N ARG B 54 4.95 -4.88 6.88
CA ARG B 54 4.95 -6.08 7.73
C ARG B 54 4.75 -5.72 9.20
N ARG B 55 5.40 -4.65 9.66
CA ARG B 55 5.20 -4.18 11.04
C ARG B 55 3.75 -3.85 11.29
N SER B 56 3.16 -3.08 10.39
CA SER B 56 1.75 -2.72 10.48
C SER B 56 0.84 -3.94 10.55
N SER B 57 1.01 -4.89 9.62
CA SER B 57 0.12 -6.04 9.57
C SER B 57 0.36 -6.97 10.76
N TRP B 58 1.62 -7.13 11.17
CA TRP B 58 1.96 -7.84 12.42
C TRP B 58 1.18 -7.30 13.62
N ARG B 59 1.14 -5.99 13.80
CA ARG B 59 0.42 -5.40 14.93
C ARG B 59 -1.07 -5.69 14.91
N VAL B 60 -1.71 -5.51 13.74
CA VAL B 60 -3.15 -5.80 13.59
C VAL B 60 -3.44 -7.26 13.94
N VAL B 61 -2.64 -8.18 13.39
CA VAL B 61 -2.87 -9.62 13.55
C VAL B 61 -2.60 -10.09 14.97
N SER B 62 -1.50 -9.62 15.56
CA SER B 62 -1.22 -9.84 17.00
C SER B 62 -2.39 -9.34 17.84
N SER B 63 -2.90 -8.16 17.55
CA SER B 63 -4.03 -7.60 18.30
C SER B 63 -5.32 -8.42 18.14
N ILE B 64 -5.50 -9.10 17.01
CA ILE B 64 -6.63 -10.04 16.84
C ILE B 64 -6.41 -11.29 17.70
N GLU B 65 -5.16 -11.74 17.81
CA GLU B 65 -4.78 -12.86 18.70
C GLU B 65 -5.31 -12.75 20.16
N GLN B 66 -5.56 -11.52 20.62
CA GLN B 66 -6.26 -11.28 21.90
C GLN B 66 -7.75 -11.67 21.83
N GLY B 70 -10.72 -14.97 23.33
CA GLY B 70 -11.88 -15.44 22.56
C GLY B 70 -11.90 -16.96 22.37
N ALA B 71 -11.89 -17.39 21.11
CA ALA B 71 -12.04 -18.81 20.73
C ALA B 71 -10.71 -19.58 20.80
N GLU B 72 -10.70 -20.83 20.31
CA GLU B 72 -9.51 -21.70 20.30
C GLU B 72 -8.90 -21.87 18.90
N LYS B 73 -9.68 -22.40 17.95
CA LYS B 73 -9.19 -22.66 16.58
C LYS B 73 -8.96 -21.38 15.75
N LYS B 74 -9.77 -20.34 15.99
CA LYS B 74 -9.59 -19.02 15.37
C LYS B 74 -8.24 -18.38 15.73
N GLN B 75 -7.86 -18.52 17.01
CA GLN B 75 -6.62 -17.91 17.52
C GLN B 75 -5.34 -18.73 17.28
N GLN B 76 -5.46 -20.00 16.92
CA GLN B 76 -4.31 -20.72 16.34
C GLN B 76 -3.98 -20.22 14.92
N MET B 77 -5.01 -19.84 14.17
CA MET B 77 -4.85 -19.38 12.79
C MET B 77 -4.19 -17.99 12.73
N ALA B 78 -4.65 -17.09 13.60
CA ALA B 78 -4.01 -15.78 13.75
C ALA B 78 -2.53 -15.94 14.14
N ARG B 79 -2.27 -16.76 15.16
CA ARG B 79 -0.90 -17.11 15.57
C ARG B 79 -0.08 -17.55 14.35
N GLU B 80 -0.55 -18.56 13.61
CA GLU B 80 0.23 -19.08 12.47
C GLU B 80 0.50 -18.01 11.42
N TYR B 81 -0.48 -17.13 11.20
CA TYR B 81 -0.36 -16.02 10.23
C TYR B 81 0.65 -14.99 10.72
N ARG B 82 0.53 -14.55 11.97
CA ARG B 82 1.57 -13.76 12.64
C ARG B 82 2.99 -14.32 12.38
N GLU B 83 3.17 -15.62 12.62
CA GLU B 83 4.46 -16.31 12.34
C GLU B 83 4.92 -16.18 10.89
N LYS B 84 3.99 -16.29 9.95
CA LYS B 84 4.30 -16.06 8.53
C LYS B 84 4.81 -14.64 8.30
N ILE B 85 4.12 -13.66 8.90
CA ILE B 85 4.51 -12.26 8.78
C ILE B 85 5.86 -11.99 9.43
N GLU B 86 6.10 -12.56 10.61
CA GLU B 86 7.39 -12.44 11.29
C GLU B 86 8.55 -12.96 10.43
N THR B 87 8.37 -14.11 9.80
CA THR B 87 9.44 -14.72 8.97
C THR B 87 9.77 -13.88 7.73
N GLU B 88 8.78 -13.16 7.18
CA GLU B 88 9.03 -12.17 6.13
C GLU B 88 9.77 -10.97 6.70
N LEU B 89 9.25 -10.46 7.82
CA LEU B 89 9.82 -9.31 8.53
C LEU B 89 11.30 -9.53 8.84
N ARG B 90 11.64 -10.71 9.36
CA ARG B 90 13.03 -11.04 9.72
C ARG B 90 13.94 -11.17 8.49
N ASP B 91 13.44 -11.77 7.41
CA ASP B 91 14.21 -11.86 6.16
C ASP B 91 14.55 -10.48 5.62
N ILE B 92 13.62 -9.53 5.80
CA ILE B 92 13.80 -8.14 5.34
C ILE B 92 14.80 -7.44 6.24
N CYS B 93 14.54 -7.45 7.55
CA CYS B 93 15.53 -6.93 8.50
C CYS B 93 16.94 -7.51 8.29
N ASN B 94 17.06 -8.80 8.00
CA ASN B 94 18.38 -9.44 7.82
C ASN B 94 19.04 -9.09 6.48
N ASP B 95 18.25 -8.79 5.45
CA ASP B 95 18.82 -8.25 4.19
C ASP B 95 19.47 -6.91 4.45
N VAL B 96 18.77 -6.04 5.18
CA VAL B 96 19.24 -4.67 5.44
C VAL B 96 20.49 -4.68 6.30
N LEU B 97 20.49 -5.52 7.33
CA LEU B 97 21.62 -5.63 8.23
C LEU B 97 22.88 -6.20 7.57
N SER B 98 22.71 -7.10 6.61
CA SER B 98 23.88 -7.61 5.87
C SER B 98 24.49 -6.55 4.99
N LEU B 99 23.64 -5.75 4.34
CA LEU B 99 24.12 -4.65 3.51
C LEU B 99 24.89 -3.66 4.38
N LEU B 100 24.35 -3.33 5.53
CA LEU B 100 25.00 -2.43 6.47
C LEU B 100 26.36 -2.94 6.91
N GLU B 101 26.47 -4.24 7.19
CA GLU B 101 27.71 -4.82 7.70
C GLU B 101 28.78 -5.00 6.60
N LYS B 102 28.37 -5.54 5.46
CA LYS B 102 29.31 -5.87 4.38
C LYS B 102 29.74 -4.70 3.50
N PHE B 103 28.91 -3.64 3.39
CA PHE B 103 29.14 -2.54 2.41
C PHE B 103 29.03 -1.11 2.96
N LEU B 104 27.90 -0.79 3.61
CA LEU B 104 27.58 0.60 3.93
C LEU B 104 28.43 1.17 5.06
N ILE B 105 28.33 0.57 6.25
CA ILE B 105 29.06 1.04 7.45
C ILE B 105 30.59 1.04 7.24
N PRO B 106 31.17 -0.03 6.63
CA PRO B 106 32.63 0.00 6.43
C PRO B 106 33.21 0.95 5.37
N ASN B 107 32.37 1.49 4.48
N ASN B 107 32.39 1.52 4.49
CA ASN B 107 32.79 2.43 3.42
CA ASN B 107 32.88 2.46 3.48
C ASN B 107 32.43 3.91 3.66
C ASN B 107 32.35 3.89 3.61
N ALA B 108 31.76 4.21 4.76
CA ALA B 108 31.30 5.58 5.04
C ALA B 108 32.51 6.47 5.35
N SER B 109 32.80 7.37 4.42
CA SER B 109 33.98 8.23 4.55
C SER B 109 33.75 9.46 5.43
N GLN B 110 32.50 9.74 5.79
CA GLN B 110 32.14 10.95 6.55
C GLN B 110 31.36 10.58 7.79
N ALA B 111 31.41 11.43 8.80
CA ALA B 111 30.72 11.17 10.06
C ALA B 111 29.22 11.13 9.83
N GLU B 112 28.75 12.07 9.02
CA GLU B 112 27.35 12.18 8.61
C GLU B 112 26.80 10.82 8.18
N SER B 113 27.44 10.19 7.20
CA SER B 113 26.92 8.92 6.67
C SER B 113 27.19 7.77 7.65
N LYS B 114 28.25 7.84 8.42
CA LYS B 114 28.49 6.86 9.49
C LYS B 114 27.31 6.84 10.48
N VAL B 115 26.85 8.02 10.91
CA VAL B 115 25.73 8.13 11.85
C VAL B 115 24.42 7.68 11.23
N PHE B 116 24.24 8.00 9.95
CA PHE B 116 23.08 7.56 9.19
C PHE B 116 22.96 6.04 9.23
N TYR B 117 24.05 5.35 8.93
CA TYR B 117 24.04 3.88 8.83
C TYR B 117 23.97 3.18 10.19
N LEU B 118 24.57 3.77 11.21
CA LEU B 118 24.50 3.18 12.55
C LEU B 118 23.09 3.33 13.12
N LYS B 119 22.43 4.43 12.77
CA LYS B 119 21.01 4.63 13.08
C LYS B 119 20.15 3.58 12.37
N MET B 120 20.39 3.32 11.09
CA MET B 120 19.65 2.26 10.37
C MET B 120 19.83 0.91 11.09
N LYS B 121 21.09 0.58 11.42
CA LYS B 121 21.39 -0.67 12.14
C LYS B 121 20.57 -0.76 13.42
N GLY B 122 20.62 0.30 14.22
CA GLY B 122 19.74 0.45 15.37
C GLY B 122 18.30 0.15 15.02
N ASP B 123 17.77 0.87 14.02
CA ASP B 123 16.36 0.75 13.58
C ASP B 123 15.97 -0.70 13.27
N TYR B 124 16.75 -1.38 12.43
CA TYR B 124 16.34 -2.70 11.98
C TYR B 124 16.48 -3.76 13.10
N TYR B 125 17.46 -3.60 14.00
CA TYR B 125 17.53 -4.44 15.23
C TYR B 125 16.38 -4.14 16.19
N ARG B 126 15.94 -2.89 16.25
CA ARG B 126 14.73 -2.55 17.03
C ARG B 126 13.49 -3.25 16.45
N TYR B 127 13.41 -3.35 15.12
CA TYR B 127 12.27 -4.03 14.47
C TYR B 127 12.29 -5.55 14.75
N LEU B 128 13.48 -6.15 14.79
CA LEU B 128 13.60 -7.55 15.23
C LEU B 128 13.22 -7.71 16.71
N ALA B 129 13.57 -6.72 17.52
CA ALA B 129 13.30 -6.76 18.94
C ALA B 129 11.79 -6.69 19.25
N GLU B 130 11.05 -5.91 18.48
CA GLU B 130 9.57 -5.86 18.56
C GLU B 130 8.91 -7.24 18.37
N VAL B 131 9.61 -8.11 17.66
CA VAL B 131 9.11 -9.39 17.19
C VAL B 131 9.90 -10.58 17.81
N ALA B 132 10.86 -10.28 18.70
CA ALA B 132 11.70 -11.30 19.35
C ALA B 132 10.94 -11.99 20.49
N ALA B 133 11.31 -13.24 20.77
CA ALA B 133 10.68 -14.01 21.86
C ALA B 133 11.39 -13.74 23.18
N GLY B 134 11.12 -14.40 24.23
CA GLY B 134 11.89 -14.33 25.47
C GLY B 134 13.41 -14.49 25.48
N ASP B 135 13.93 -15.29 24.53
CA ASP B 135 15.33 -15.71 24.55
C ASP B 135 16.25 -14.69 23.87
N ASP B 136 16.11 -14.58 22.55
CA ASP B 136 16.96 -13.69 21.75
C ASP B 136 16.77 -12.21 22.04
N LYS B 137 15.60 -11.82 22.54
CA LYS B 137 15.25 -10.41 22.74
C LYS B 137 16.38 -9.60 23.39
N LYS B 138 16.76 -9.96 24.62
CA LYS B 138 17.79 -9.21 25.39
C LYS B 138 19.11 -8.99 24.62
N GLY B 139 19.51 -9.97 23.80
CA GLY B 139 20.70 -9.87 22.95
C GLY B 139 20.49 -9.04 21.69
N ILE B 140 19.35 -9.26 21.02
CA ILE B 140 18.91 -8.44 19.87
C ILE B 140 18.71 -6.97 20.30
N VAL B 141 18.04 -6.79 21.44
CA VAL B 141 17.79 -5.46 22.03
C VAL B 141 19.05 -4.69 22.39
N ASP B 142 20.12 -5.40 22.73
CA ASP B 142 21.36 -4.75 23.09
C ASP B 142 22.18 -4.39 21.85
N GLN B 143 22.13 -5.23 20.80
CA GLN B 143 22.72 -4.86 19.49
C GLN B 143 22.13 -3.55 18.94
N SER B 144 20.80 -3.40 19.06
CA SER B 144 20.12 -2.14 18.72
C SER B 144 20.71 -1.00 19.53
N GLN B 145 20.86 -1.21 20.83
CA GLN B 145 21.40 -0.18 21.73
C GLN B 145 22.84 0.26 21.40
N GLN B 146 23.72 -0.70 21.11
CA GLN B 146 25.10 -0.39 20.76
C GLN B 146 25.17 0.43 19.49
N ALA B 147 24.41 0.02 18.47
CA ALA B 147 24.31 0.73 17.20
C ALA B 147 23.89 2.18 17.43
N TYR B 148 22.83 2.40 18.20
CA TYR B 148 22.39 3.77 18.47
C TYR B 148 23.43 4.55 19.26
N GLN B 149 24.04 3.90 20.24
CA GLN B 149 24.96 4.55 21.17
C GLN B 149 26.20 5.05 20.43
N GLU B 150 26.74 4.22 19.56
CA GLU B 150 27.89 4.62 18.73
C GLU B 150 27.49 5.79 17.83
N ALA B 151 26.32 5.68 17.21
CA ALA B 151 25.77 6.76 16.38
C ALA B 151 25.61 8.04 17.17
N PHE B 152 25.03 7.93 18.37
CA PHE B 152 24.84 9.07 19.27
C PHE B 152 26.18 9.73 19.63
N GLU B 153 27.21 8.93 19.89
CA GLU B 153 28.52 9.46 20.29
C GLU B 153 29.17 10.24 19.13
N ILE B 154 29.23 9.64 17.94
CA ILE B 154 29.78 10.31 16.74
C ILE B 154 29.00 11.58 16.42
N SER B 155 27.68 11.47 16.50
CA SER B 155 26.79 12.56 16.22
C SER B 155 27.08 13.77 17.09
N LYS B 156 27.33 13.54 18.38
CA LYS B 156 27.42 14.65 19.36
C LYS B 156 28.70 15.49 19.21
N LYS B 157 29.81 14.86 18.82
CA LYS B 157 31.07 15.59 18.62
C LYS B 157 31.22 16.15 17.19
N GLU B 158 30.74 15.41 16.18
CA GLU B 158 30.95 15.78 14.78
C GLU B 158 29.84 16.64 14.12
N MET B 159 28.62 16.63 14.65
CA MET B 159 27.48 17.26 13.97
C MET B 159 26.80 18.28 14.86
N GLN B 160 26.25 19.32 14.24
CA GLN B 160 25.60 20.38 14.99
C GLN B 160 24.24 19.89 15.46
N PRO B 161 23.74 20.41 16.58
CA PRO B 161 22.46 19.92 17.11
C PRO B 161 21.24 20.08 16.18
N THR B 162 21.28 21.01 15.22
CA THR B 162 20.18 21.19 14.27
C THR B 162 20.21 20.21 13.08
N HIS B 163 21.31 19.49 12.90
CA HIS B 163 21.44 18.57 11.75
C HIS B 163 20.38 17.45 11.80
N PRO B 164 19.61 17.29 10.72
CA PRO B 164 18.45 16.38 10.78
C PRO B 164 18.75 14.90 11.03
N ILE B 165 19.97 14.47 10.74
CA ILE B 165 20.41 13.11 11.07
C ILE B 165 20.62 12.97 12.58
N ARG B 166 21.20 13.99 13.20
CA ARG B 166 21.36 14.01 14.67
C ARG B 166 20.02 14.03 15.38
N LEU B 167 19.13 14.93 14.95
CA LEU B 167 17.78 15.01 15.50
C LEU B 167 16.98 13.73 15.22
N GLY B 168 17.22 13.12 14.05
CA GLY B 168 16.49 11.92 13.65
C GLY B 168 16.90 10.71 14.46
N LEU B 169 18.21 10.58 14.66
CA LEU B 169 18.77 9.63 15.61
C LEU B 169 18.15 9.78 17.01
N ALA B 170 18.08 11.01 17.50
CA ALA B 170 17.54 11.27 18.81
C ALA B 170 16.11 10.78 18.94
N LEU B 171 15.28 11.11 17.95
CA LEU B 171 13.87 10.71 17.96
C LEU B 171 13.74 9.18 18.05
N ASN B 172 14.51 8.49 17.21
CA ASN B 172 14.44 7.04 17.18
C ASN B 172 15.04 6.38 18.41
N PHE B 173 16.10 6.98 18.97
CA PHE B 173 16.76 6.43 20.16
C PHE B 173 15.88 6.65 21.39
N SER B 174 15.19 7.79 21.44
CA SER B 174 14.12 8.03 22.39
C SER B 174 13.02 6.95 22.29
N VAL B 175 12.53 6.69 21.07
CA VAL B 175 11.50 5.66 20.87
C VAL B 175 12.00 4.27 21.29
N PHE B 176 13.27 3.95 21.03
CA PHE B 176 13.84 2.70 21.50
C PHE B 176 13.68 2.59 23.02
N TYR B 177 14.21 3.57 23.75
CA TYR B 177 14.11 3.60 25.21
C TYR B 177 12.67 3.47 25.69
N TYR B 178 11.75 4.22 25.09
CA TYR B 178 10.36 4.23 25.55
C TYR B 178 9.62 2.89 25.39
N GLU B 179 9.71 2.26 24.23
CA GLU B 179 8.89 1.08 23.96
C GLU B 179 9.62 -0.26 23.86
N ILE B 180 10.94 -0.26 23.72
CA ILE B 180 11.73 -1.50 23.85
C ILE B 180 12.18 -1.76 25.29
N LEU B 181 12.39 -0.71 26.07
CA LEU B 181 12.97 -0.77 27.43
C LEU B 181 12.08 -0.17 28.52
N ASN B 182 10.87 0.25 28.19
CA ASN B 182 9.92 0.79 29.19
C ASN B 182 10.53 1.87 30.09
N SER B 183 11.32 2.76 29.49
CA SER B 183 11.94 3.90 30.19
C SER B 183 11.38 5.26 29.74
N PRO B 184 10.11 5.58 30.10
CA PRO B 184 9.59 6.93 29.86
C PRO B 184 10.57 8.07 30.24
N GLU B 185 11.42 7.80 31.22
CA GLU B 185 12.49 8.72 31.65
C GLU B 185 13.62 8.94 30.64
N LYS B 186 14.25 7.86 30.18
CA LYS B 186 15.43 7.94 29.33
C LYS B 186 15.05 8.34 27.90
N ALA B 187 13.78 8.12 27.55
CA ALA B 187 13.23 8.59 26.28
C ALA B 187 12.98 10.08 26.32
N CYS B 188 12.30 10.54 27.38
CA CYS B 188 12.03 11.97 27.55
C CYS B 188 13.29 12.80 27.75
N SER B 189 14.28 12.22 28.42
CA SER B 189 15.59 12.85 28.59
C SER B 189 16.25 13.12 27.24
N LEU B 190 16.52 12.06 26.48
CA LEU B 190 17.11 12.15 25.13
C LEU B 190 16.40 13.17 24.25
N ALA B 191 15.09 13.05 24.17
CA ALA B 191 14.28 13.92 23.31
C ALA B 191 14.34 15.37 23.75
N LYS B 192 14.15 15.62 25.04
CA LYS B 192 14.15 16.99 25.56
C LYS B 192 15.50 17.69 25.38
N THR B 193 16.61 16.98 25.55
CA THR B 193 17.93 17.61 25.40
C THR B 193 18.14 17.97 23.94
N ALA B 194 17.90 17.01 23.04
CA ALA B 194 18.01 17.23 21.59
C ALA B 194 17.17 18.43 21.12
N PHE B 195 15.93 18.52 21.59
CA PHE B 195 15.10 19.67 21.27
C PHE B 195 15.73 20.98 21.78
N ASP B 196 16.12 21.00 23.05
CA ASP B 196 16.67 22.21 23.69
C ASP B 196 18.01 22.61 23.12
N GLU B 197 18.88 21.62 22.88
CA GLU B 197 20.17 21.84 22.24
C GLU B 197 20.04 22.33 20.78
N ALA B 198 18.97 21.94 20.09
CA ALA B 198 18.71 22.45 18.74
C ALA B 198 18.05 23.82 18.77
N ILE B 199 17.11 24.04 19.70
CA ILE B 199 16.59 25.39 19.97
C ILE B 199 17.70 26.37 20.31
N ALA B 200 18.64 25.91 21.15
CA ALA B 200 19.77 26.72 21.63
C ALA B 200 20.62 27.29 20.50
N GLU B 201 20.84 26.50 19.46
CA GLU B 201 21.65 26.94 18.33
C GLU B 201 20.80 27.35 17.12
N LEU B 202 19.77 28.15 17.37
CA LEU B 202 19.14 28.93 16.31
C LEU B 202 19.79 30.33 16.40
N ASP B 203 20.86 30.52 15.61
CA ASP B 203 21.63 31.78 15.53
C ASP B 203 21.88 32.12 14.07
N TYR B 210 17.11 22.11 7.29
CA TYR B 210 16.50 23.45 7.25
C TYR B 210 15.02 23.37 7.58
N LYS B 211 14.24 22.78 6.67
CA LYS B 211 12.82 22.50 6.89
C LYS B 211 12.66 21.12 7.55
N ASP B 212 13.58 20.20 7.26
CA ASP B 212 13.59 18.87 7.88
C ASP B 212 13.87 18.94 9.38
N SER B 213 14.84 19.78 9.76
CA SER B 213 15.25 19.96 11.16
C SER B 213 14.07 20.37 12.04
N THR B 214 13.40 21.44 11.64
CA THR B 214 12.27 21.97 12.37
C THR B 214 11.08 21.02 12.45
N LEU B 215 10.93 20.13 11.47
CA LEU B 215 9.89 19.10 11.53
C LEU B 215 10.22 18.01 12.53
N ILE B 216 11.48 17.58 12.57
CA ILE B 216 11.92 16.54 13.51
C ILE B 216 11.89 17.11 14.95
N MET B 217 12.16 18.40 15.08
CA MET B 217 12.01 19.09 16.36
C MET B 217 10.56 19.01 16.85
N GLN B 218 9.60 19.21 15.95
CA GLN B 218 8.18 19.09 16.29
C GLN B 218 7.82 17.67 16.69
N LEU B 219 8.36 16.69 15.96
CA LEU B 219 8.16 15.28 16.29
C LEU B 219 8.72 14.91 17.66
N LEU B 220 9.91 15.43 17.95
CA LEU B 220 10.54 15.19 19.26
C LEU B 220 9.68 15.74 20.41
N ARG B 221 9.16 16.96 20.27
CA ARG B 221 8.31 17.54 21.30
C ARG B 221 6.96 16.83 21.41
N ASP B 222 6.36 16.48 20.26
CA ASP B 222 5.11 15.67 20.23
C ASP B 222 5.21 14.39 21.06
N ASN B 223 6.37 13.74 21.04
CA ASN B 223 6.65 12.56 21.85
C ASN B 223 6.76 12.89 23.35
N LEU B 224 7.38 14.02 23.69
CA LEU B 224 7.38 14.49 25.08
C LEU B 224 5.97 14.79 25.54
N THR B 225 5.25 15.60 24.77
CA THR B 225 3.87 16.00 25.07
C THR B 225 2.96 14.80 25.31
N LEU B 226 3.09 13.79 24.44
CA LEU B 226 2.36 12.53 24.57
C LEU B 226 2.70 11.80 25.86
N TRP B 227 3.98 11.62 26.14
CA TRP B 227 4.45 10.75 27.22
C TRP B 227 4.41 11.36 28.64
N THR B 228 4.03 12.62 28.77
CA THR B 228 3.81 13.26 30.07
C THR B 228 2.50 12.76 30.68
N SER C 1 -2.23 6.79 22.36
CA SER C 1 -3.18 5.68 22.68
C SER C 1 -2.85 4.40 21.90
N ARG C 2 -2.48 3.35 22.63
CA ARG C 2 -2.07 2.10 22.01
C ARG C 2 -3.12 1.02 21.74
N SER C 3 -3.57 0.96 20.49
CA SER C 3 -4.49 -0.08 20.01
C SER C 3 -3.80 -0.84 18.85
N GLY C 4 -4.55 -1.63 18.09
CA GLY C 4 -4.00 -2.30 16.89
C GLY C 4 -3.57 -1.40 15.73
N LEU C 5 -4.11 -0.18 15.67
CA LEU C 5 -3.77 0.82 14.65
C LEU C 5 -2.64 1.80 15.04
N TYR C 6 -2.02 1.61 16.21
CA TYR C 6 -0.99 2.53 16.75
C TYR C 6 0.32 2.49 15.94
N ARG C 7 0.76 3.67 15.49
CA ARG C 7 2.06 3.83 14.81
C ARG C 7 3.13 4.28 15.82
N SER C 8 4.31 3.68 15.72
CA SER C 8 5.45 4.06 16.56
C SER C 8 5.94 5.42 16.11
N PRO C 9 6.08 6.38 17.05
CA PRO C 9 6.35 7.78 16.69
C PRO C 9 7.84 8.09 16.38
N MET C 11 10.99 8.31 13.09
CA MET C 11 11.14 9.00 11.79
C MET C 11 10.18 8.44 10.72
N PRO C 12 9.26 9.29 10.20
CA PRO C 12 8.41 8.89 9.08
C PRO C 12 9.10 9.12 7.74
N GLU C 13 8.42 8.77 6.64
CA GLU C 13 8.97 8.92 5.29
C GLU C 13 8.46 10.17 4.59
N ASN C 14 8.94 11.31 5.08
CA ASN C 14 8.48 12.63 4.64
C ASN C 14 9.58 13.31 3.83
N LEU C 15 9.23 14.41 3.16
CA LEU C 15 10.11 15.15 2.25
C LEU C 15 10.57 14.29 1.06
N ASN C 16 9.60 13.66 0.38
CA ASN C 16 9.86 12.89 -0.84
C ASN C 16 8.87 13.29 -1.94
N ARG C 17 9.26 13.03 -3.18
CA ARG C 17 8.63 13.61 -4.38
C ARG C 17 7.19 13.12 -4.62
N PRO C 18 6.18 14.03 -4.45
CA PRO C 18 4.79 13.68 -4.77
C PRO C 18 4.38 14.11 -6.19
N ARG C 19 3.40 13.41 -6.78
CA ARG C 19 2.89 13.74 -8.13
C ARG C 19 1.38 13.96 -8.13
N TYR D 6 -4.37 10.55 -11.97
CA TYR D 6 -5.80 10.93 -11.74
C TYR D 6 -6.69 9.69 -11.52
N ARG D 7 -7.73 9.88 -10.72
CA ARG D 7 -8.68 8.81 -10.36
C ARG D 7 -9.71 8.62 -11.48
N SER D 8 -10.13 7.37 -11.70
CA SER D 8 -11.32 7.07 -12.51
C SER D 8 -12.52 7.10 -11.57
N PRO D 9 -13.50 8.01 -11.80
CA PRO D 9 -14.60 8.16 -10.82
C PRO D 9 -15.63 7.01 -10.74
N MET D 11 -17.04 3.09 -8.84
CA MET D 11 -17.40 2.60 -7.50
C MET D 11 -16.18 2.44 -6.59
N PRO D 12 -16.19 3.11 -5.41
CA PRO D 12 -15.10 2.92 -4.44
C PRO D 12 -15.29 1.63 -3.64
N GLU D 13 -14.29 1.25 -2.85
CA GLU D 13 -14.40 0.11 -1.95
C GLU D 13 -14.87 0.56 -0.56
N ASN D 14 -16.02 0.03 -0.18
CA ASN D 14 -16.67 0.32 1.08
C ASN D 14 -18.12 -0.15 1.06
#